data_7JVS
#
_entry.id   7JVS
#
_cell.length_a   52.552
_cell.length_b   56.824
_cell.length_c   130.278
_cell.angle_alpha   90.000
_cell.angle_beta   90.000
_cell.angle_gamma   90.000
#
_symmetry.space_group_name_H-M   'C 2 2 21'
#
loop_
_entity.id
_entity.type
_entity.pdbx_description
1 polymer 'Ribosomal-processing cysteine protease Prp'
2 polymer 'L27 ribosomal peptide'
3 non-polymer 'CALCIUM ION'
4 non-polymer 'NICKEL (II) ION'
5 water water
#
loop_
_entity_poly.entity_id
_entity_poly.type
_entity_poly.pdbx_seq_one_letter_code
_entity_poly.pdbx_strand_id
1 'polypeptide(L)'
;MITVDITVNDEGKVTDVIMDGHADHGEYGHDIVSAGASAVLFGSVNAIIGLTSERPDINYDDQGGHFHIRSVDTNNDEAQ
LILQTMLVSLQTIEEEYNENIRLNYK
;
B,D
2 'polypeptide(L)' (ACE)KLNLQFFASKKG(NH2) C
#
loop_
_chem_comp.id
_chem_comp.type
_chem_comp.name
_chem_comp.formula
ACE non-polymer 'ACETYL GROUP' 'C2 H4 O'
CA non-polymer 'CALCIUM ION' 'Ca 2'
NH2 non-polymer 'AMINO GROUP' 'H2 N'
NI non-polymer 'NICKEL (II) ION' 'Ni 2'
#
# COMPACT_ATOMS: atom_id res chain seq x y z
N MET A 1 19.41 -4.10 -0.83
CA MET A 1 18.28 -4.44 0.06
C MET A 1 17.73 -3.20 0.76
N ILE A 2 16.40 -3.11 0.85
CA ILE A 2 15.71 -2.13 1.64
C ILE A 2 15.55 -2.68 3.04
N THR A 3 15.94 -1.89 4.04
CA THR A 3 15.73 -2.21 5.45
C THR A 3 14.68 -1.25 5.97
N VAL A 4 13.82 -1.75 6.86
CA VAL A 4 12.69 -1.01 7.40
C VAL A 4 12.74 -1.11 8.91
N ASP A 5 13.26 -0.06 9.57
CA ASP A 5 13.41 0.01 11.03
C ASP A 5 12.16 0.65 11.63
N ILE A 6 11.48 -0.09 12.51
CA ILE A 6 10.21 0.33 13.09
C ILE A 6 10.39 0.45 14.60
N THR A 7 10.00 1.56 15.19
CA THR A 7 10.13 1.68 16.60
C THR A 7 8.75 1.76 17.19
N VAL A 8 8.48 0.95 18.20
CA VAL A 8 7.20 0.87 18.83
C VAL A 8 7.36 1.12 20.30
N ASN A 9 6.84 2.22 20.82
CA ASN A 9 6.90 2.59 22.24
C ASN A 9 6.28 1.66 23.28
N ASP A 10 6.44 1.99 24.56
CA ASP A 10 5.90 1.23 25.68
C ASP A 10 4.45 0.76 25.54
N GLU A 11 3.57 1.62 25.04
CA GLU A 11 2.17 1.33 24.85
C GLU A 11 1.84 0.62 23.56
N GLY A 12 2.82 0.34 22.72
CA GLY A 12 2.50 -0.38 21.52
C GLY A 12 2.18 0.48 20.32
N LYS A 13 2.38 1.77 20.44
CA LYS A 13 2.08 2.65 19.35
C LYS A 13 3.32 2.84 18.47
N VAL A 14 3.13 2.84 17.17
CA VAL A 14 4.22 3.05 16.20
C VAL A 14 4.61 4.51 16.15
N THR A 15 5.86 4.84 16.48
CA THR A 15 6.28 6.24 16.49
C THR A 15 7.23 6.59 15.35
N ASP A 16 8.01 5.63 14.84
CA ASP A 16 8.93 5.87 13.73
C ASP A 16 8.97 4.67 12.77
N VAL A 17 8.91 4.95 11.46
CA VAL A 17 9.41 3.97 10.51
C VAL A 17 10.39 4.65 9.54
N ILE A 18 11.55 3.99 9.49
CA ILE A 18 12.68 4.45 8.68
C ILE A 18 12.97 3.40 7.64
N MET A 19 12.89 3.78 6.36
CA MET A 19 13.12 2.88 5.23
C MET A 19 14.34 3.36 4.47
N ASP A 20 15.33 2.48 4.32
CA ASP A 20 16.63 2.85 3.78
C ASP A 20 17.15 1.82 2.79
N GLY A 21 17.79 2.32 1.73
CA GLY A 21 18.42 1.50 0.72
C GLY A 21 17.58 1.35 -0.52
N HIS A 22 18.02 0.43 -1.39
CA HIS A 22 17.41 0.10 -2.66
C HIS A 22 17.22 -1.41 -2.71
N ALA A 23 16.22 -1.87 -3.47
CA ALA A 23 15.79 -3.27 -3.46
C ALA A 23 16.72 -4.21 -4.20
N ASP A 24 17.35 -3.66 -5.25
CA ASP A 24 18.30 -4.38 -6.10
C ASP A 24 17.71 -5.68 -6.64
N HIS A 25 16.47 -5.60 -7.12
CA HIS A 25 15.79 -6.76 -7.69
C HIS A 25 15.97 -6.77 -9.21
N GLY A 26 15.68 -5.68 -9.86
CA GLY A 26 15.77 -5.56 -11.28
C GLY A 26 16.49 -4.29 -11.68
N GLU A 27 16.25 -3.85 -12.90
CA GLU A 27 16.84 -2.70 -13.49
C GLU A 27 16.05 -1.47 -13.13
N TYR A 28 16.66 -0.30 -13.11
CA TYR A 28 15.95 0.90 -12.80
C TYR A 28 14.85 1.12 -13.79
N GLY A 29 13.61 1.26 -13.32
CA GLY A 29 12.48 1.42 -14.17
C GLY A 29 11.61 0.20 -14.15
N HIS A 30 12.17 -0.95 -13.81
CA HIS A 30 11.52 -2.23 -13.80
C HIS A 30 11.70 -3.05 -12.53
N ASP A 31 11.94 -2.41 -11.42
CA ASP A 31 12.14 -3.11 -10.19
C ASP A 31 10.75 -3.21 -9.55
N ILE A 32 10.22 -4.41 -9.39
CA ILE A 32 8.89 -4.61 -8.87
C ILE A 32 8.76 -4.54 -7.35
N VAL A 33 9.79 -4.95 -6.64
CA VAL A 33 9.88 -4.86 -5.20
C VAL A 33 9.87 -3.39 -4.73
N SER A 34 10.69 -2.55 -5.39
CA SER A 34 10.67 -1.09 -5.19
C SER A 34 9.30 -0.48 -5.51
N ALA A 35 8.67 -0.93 -6.59
CA ALA A 35 7.33 -0.47 -6.96
C ALA A 35 6.29 -0.82 -5.88
N GLY A 36 6.38 -2.05 -5.34
CA GLY A 36 5.54 -2.51 -4.25
C GLY A 36 5.68 -1.66 -2.98
N ALA A 37 6.92 -1.55 -2.48
CA ALA A 37 7.19 -0.84 -1.22
C ALA A 37 6.88 0.64 -1.33
N SER A 38 7.21 1.24 -2.48
CA SER A 38 6.96 2.65 -2.72
C SER A 38 5.47 2.96 -2.71
N ALA A 39 4.69 2.19 -3.48
CA ALA A 39 3.24 2.39 -3.57
C ALA A 39 2.58 2.31 -2.20
N VAL A 40 3.07 1.38 -1.37
CA VAL A 40 2.54 1.16 -0.04
C VAL A 40 2.90 2.31 0.90
N LEU A 41 4.18 2.73 0.86
CA LEU A 41 4.67 3.84 1.66
C LEU A 41 3.93 5.14 1.38
N PHE A 42 4.04 5.62 0.14
CA PHE A 42 3.53 6.93 -0.23
C PHE A 42 2.03 6.95 -0.16
N GLY A 43 1.42 5.79 -0.46
CA GLY A 43 -0.01 5.59 -0.36
C GLY A 43 -0.48 5.79 1.08
N SER A 44 0.22 5.17 2.02
CA SER A 44 -0.13 5.26 3.43
C SER A 44 0.05 6.68 3.98
N VAL A 45 1.21 7.26 3.73
CA VAL A 45 1.51 8.61 4.22
C VAL A 45 0.46 9.62 3.76
N ASN A 46 0.15 9.59 2.46
CA ASN A 46 -0.84 10.50 1.89
C ASN A 46 -2.23 10.24 2.47
N ALA A 47 -2.54 8.97 2.68
CA ALA A 47 -3.84 8.58 3.22
C ALA A 47 -4.01 9.09 4.65
N ILE A 48 -2.93 9.06 5.42
CA ILE A 48 -2.95 9.54 6.79
C ILE A 48 -3.42 10.99 6.76
N ILE A 49 -2.70 11.81 6.01
CA ILE A 49 -3.01 13.21 5.81
C ILE A 49 -4.44 13.41 5.35
N GLY A 50 -4.87 12.61 4.37
CA GLY A 50 -6.17 12.75 3.74
C GLY A 50 -7.37 12.26 4.54
N LEU A 51 -7.18 11.23 5.38
CA LEU A 51 -8.30 10.56 6.05
C LEU A 51 -8.39 10.81 7.55
N THR A 52 -7.33 11.36 8.14
CA THR A 52 -7.27 11.60 9.57
C THR A 52 -6.81 13.04 9.86
N SER A 53 -6.85 13.39 11.15
CA SER A 53 -6.44 14.71 11.62
C SER A 53 -4.96 14.77 12.01
N GLU A 54 -4.23 13.66 11.85
CA GLU A 54 -2.82 13.57 12.21
C GLU A 54 -1.98 14.19 11.10
N ARG A 55 -0.91 14.88 11.50
CA ARG A 55 0.01 15.47 10.52
C ARG A 55 1.44 15.07 10.91
N PRO A 56 1.90 13.95 10.31
CA PRO A 56 3.17 13.33 10.68
C PRO A 56 4.37 14.12 10.22
N ASP A 57 5.50 13.92 10.91
CA ASP A 57 6.76 14.57 10.59
C ASP A 57 7.41 13.66 9.55
N ILE A 58 7.63 14.18 8.34
CA ILE A 58 8.17 13.40 7.29
C ILE A 58 9.47 14.00 6.82
N ASN A 59 10.54 13.22 6.70
CA ASN A 59 11.82 13.73 6.22
C ASN A 59 12.42 12.69 5.26
N TYR A 60 12.77 13.08 4.03
CA TYR A 60 13.32 12.10 3.11
C TYR A 60 14.28 12.63 2.03
N ASP A 61 15.08 11.71 1.49
CA ASP A 61 16.00 11.95 0.41
C ASP A 61 15.20 11.91 -0.91
N ASP A 62 14.89 13.06 -1.47
CA ASP A 62 14.02 13.18 -2.63
C ASP A 62 14.61 12.63 -3.94
N GLN A 63 15.84 12.10 -3.88
CA GLN A 63 16.59 11.33 -4.88
C GLN A 63 16.42 9.82 -4.72
N GLY A 64 15.52 9.40 -3.83
CA GLY A 64 15.33 8.00 -3.51
C GLY A 64 16.24 7.50 -2.42
N GLY A 65 15.87 6.35 -1.86
CA GLY A 65 16.71 5.61 -0.95
C GLY A 65 16.51 5.89 0.53
N HIS A 66 15.76 6.93 0.90
CA HIS A 66 15.54 7.16 2.32
C HIS A 66 14.26 7.90 2.65
N PHE A 67 13.37 7.25 3.41
CA PHE A 67 12.16 7.88 3.90
C PHE A 67 12.00 7.65 5.41
N HIS A 68 11.59 8.71 6.14
CA HIS A 68 11.37 8.69 7.60
C HIS A 68 9.99 9.26 7.94
N ILE A 69 9.19 8.48 8.68
CA ILE A 69 7.91 8.91 9.19
C ILE A 69 7.98 8.92 10.70
N ARG A 70 7.73 10.06 11.33
CA ARG A 70 7.66 10.04 12.78
C ARG A 70 6.23 10.38 13.06
N SER A 71 5.63 9.65 13.98
CA SER A 71 4.28 9.96 14.32
C SER A 71 4.31 11.10 15.30
N VAL A 72 3.30 11.92 15.32
CA VAL A 72 3.24 13.08 16.21
C VAL A 72 2.19 12.80 17.26
N ASP A 73 0.93 12.72 16.82
CA ASP A 73 -0.13 12.36 17.68
C ASP A 73 -0.07 10.85 17.54
N THR A 74 0.58 10.17 18.48
CA THR A 74 0.66 8.72 18.46
C THR A 74 -0.65 8.10 18.94
N ASN A 75 -1.45 8.88 19.68
CA ASN A 75 -2.72 8.40 20.20
C ASN A 75 -3.82 8.34 19.14
N ASN A 76 -3.61 9.04 18.01
CA ASN A 76 -4.58 9.02 16.93
C ASN A 76 -4.81 7.57 16.48
N ASP A 77 -6.00 7.02 16.71
CA ASP A 77 -6.25 5.67 16.37
C ASP A 77 -6.37 5.45 14.92
N GLU A 78 -6.96 6.35 14.18
CA GLU A 78 -7.04 6.18 12.77
C GLU A 78 -5.67 6.15 12.15
N ALA A 79 -4.79 7.03 12.54
CA ALA A 79 -3.47 7.03 11.98
C ALA A 79 -2.62 5.80 12.34
N GLN A 80 -2.82 5.25 13.51
CA GLN A 80 -2.08 4.11 13.96
C GLN A 80 -2.50 2.84 13.25
N LEU A 81 -3.73 2.78 12.86
CA LEU A 81 -4.24 1.65 12.09
C LEU A 81 -3.69 1.65 10.66
N ILE A 82 -3.52 2.85 10.09
CA ILE A 82 -2.96 3.01 8.75
C ILE A 82 -1.48 2.60 8.76
N LEU A 83 -0.76 2.98 9.82
CA LEU A 83 0.63 2.56 9.99
C LEU A 83 0.77 1.04 10.16
N GLN A 84 -0.16 0.43 10.90
CA GLN A 84 -0.16 -1.01 11.10
C GLN A 84 -0.37 -1.68 9.75
N THR A 85 -1.40 -1.22 9.04
CA THR A 85 -1.71 -1.70 7.70
C THR A 85 -0.46 -1.66 6.82
N MET A 86 0.23 -0.52 6.81
CA MET A 86 1.47 -0.37 6.07
C MET A 86 2.45 -1.50 6.42
N LEU A 87 2.63 -1.75 7.72
CA LEU A 87 3.61 -2.75 8.16
C LEU A 87 3.26 -4.13 7.66
N VAL A 88 1.97 -4.48 7.74
CA VAL A 88 1.48 -5.77 7.30
C VAL A 88 1.66 -5.94 5.78
N SER A 89 1.42 -4.88 5.02
CA SER A 89 1.64 -4.87 3.57
CA SER A 89 1.64 -4.88 3.58
C SER A 89 3.11 -5.10 3.26
N LEU A 90 4.00 -4.39 3.97
CA LEU A 90 5.43 -4.55 3.71
C LEU A 90 5.93 -5.93 4.14
N GLN A 91 5.34 -6.50 5.20
CA GLN A 91 5.63 -7.87 5.61
C GLN A 91 5.22 -8.85 4.54
N THR A 92 4.10 -8.56 3.86
CA THR A 92 3.64 -9.41 2.77
C THR A 92 4.67 -9.45 1.64
N ILE A 93 5.28 -8.31 1.35
CA ILE A 93 6.35 -8.23 0.35
C ILE A 93 7.61 -8.97 0.85
N GLU A 94 7.99 -8.76 2.11
CA GLU A 94 9.14 -9.48 2.71
C GLU A 94 8.99 -11.00 2.58
N GLU A 95 7.81 -11.53 2.90
CA GLU A 95 7.76 -12.99 2.93
C GLU A 95 7.89 -13.60 1.54
N GLU A 96 7.59 -12.88 0.45
CA GLU A 96 7.84 -13.42 -0.89
C GLU A 96 9.17 -12.94 -1.54
N TYR A 97 9.72 -11.84 -1.10
CA TYR A 97 10.96 -11.36 -1.65
C TYR A 97 11.91 -11.13 -0.51
N ASN A 98 12.31 -12.23 0.09
CA ASN A 98 13.19 -12.36 1.23
C ASN A 98 14.47 -11.61 1.25
N GLU A 99 15.07 -11.52 0.11
CA GLU A 99 16.35 -10.91 0.14
C GLU A 99 16.36 -9.51 -0.36
N ASN A 100 15.21 -8.95 -0.70
CA ASN A 100 15.14 -7.57 -1.16
C ASN A 100 14.66 -6.57 -0.09
N ILE A 101 13.91 -7.04 0.91
CA ILE A 101 13.40 -6.17 1.95
C ILE A 101 13.36 -6.89 3.30
N ARG A 102 13.69 -6.18 4.38
CA ARG A 102 13.91 -6.61 5.76
C ARG A 102 13.16 -5.70 6.74
N LEU A 103 12.25 -6.17 7.60
CA LEU A 103 11.69 -5.37 8.68
C LEU A 103 12.40 -5.67 10.02
N ASN A 104 12.75 -4.61 10.78
CA ASN A 104 13.40 -4.73 12.08
C ASN A 104 12.68 -3.86 13.14
N TYR A 105 12.04 -4.48 14.14
CA TYR A 105 11.35 -3.78 15.20
C TYR A 105 12.33 -3.43 16.33
N LYS A 106 12.18 -2.22 16.87
CA LYS A 106 13.03 -1.72 17.94
C LYS A 106 12.21 -1.51 19.23
N LYS B 2 5.73 14.49 -6.38
CA LYS B 2 4.93 13.47 -7.04
C LYS B 2 5.35 12.09 -6.54
N LEU B 3 4.72 11.03 -7.06
CA LEU B 3 5.04 9.65 -6.66
C LEU B 3 6.07 8.98 -7.57
N ASN B 4 7.00 8.24 -7.01
CA ASN B 4 8.01 7.58 -7.80
C ASN B 4 8.04 6.09 -7.42
N LEU B 5 7.48 5.23 -8.26
CA LEU B 5 7.47 3.81 -7.99
C LEU B 5 8.85 3.17 -7.96
N GLN B 6 9.85 3.88 -8.45
CA GLN B 6 11.20 3.47 -8.43
C GLN B 6 12.03 4.25 -7.39
N PHE B 7 11.39 4.79 -6.38
CA PHE B 7 12.01 5.51 -5.29
C PHE B 7 13.09 4.67 -4.62
N PHE B 8 12.82 3.37 -4.45
CA PHE B 8 13.76 2.42 -3.81
C PHE B 8 14.50 1.50 -4.80
N ALA B 9 14.75 1.96 -6.01
CA ALA B 9 15.59 1.24 -6.95
C ALA B 9 16.87 2.02 -7.24
N SER B 10 17.99 1.32 -7.44
CA SER B 10 19.28 1.96 -7.67
C SER B 10 19.51 2.45 -9.07
N LYS B 11 20.66 3.10 -9.30
CA LYS B 11 21.04 3.52 -10.64
C LYS B 11 21.73 2.36 -11.31
N LYS B 12 22.70 1.75 -10.66
CA LYS B 12 23.42 0.61 -11.25
C LYS B 12 23.38 -0.70 -10.45
N MET C 1 -3.45 -2.25 -19.55
CA MET C 1 -4.18 -1.34 -18.62
C MET C 1 -4.75 -2.14 -17.46
N ILE C 2 -4.49 -1.67 -16.24
CA ILE C 2 -5.13 -2.17 -15.04
C ILE C 2 -6.35 -1.32 -14.82
N THR C 3 -7.52 -1.95 -14.61
CA THR C 3 -8.76 -1.28 -14.24
C THR C 3 -9.08 -1.62 -12.79
N VAL C 4 -9.58 -0.63 -12.05
CA VAL C 4 -10.07 -0.81 -10.69
C VAL C 4 -11.49 -0.29 -10.55
N ASP C 5 -12.45 -1.21 -10.48
CA ASP C 5 -13.87 -0.88 -10.23
C ASP C 5 -14.17 -0.86 -8.73
N ILE C 6 -14.66 0.27 -8.23
CA ILE C 6 -14.97 0.46 -6.81
C ILE C 6 -16.45 0.74 -6.64
N THR C 7 -17.15 -0.06 -5.82
CA THR C 7 -18.58 0.14 -5.55
C THR C 7 -18.80 0.64 -4.14
N VAL C 8 -19.45 1.78 -4.06
CA VAL C 8 -19.89 2.42 -2.82
C VAL C 8 -21.40 2.31 -2.74
N ASN C 9 -21.94 1.93 -1.58
CA ASN C 9 -23.39 1.82 -1.40
C ASN C 9 -23.98 3.18 -1.03
N ASP C 10 -25.30 3.26 -0.85
CA ASP C 10 -25.98 4.51 -0.50
C ASP C 10 -25.43 5.25 0.74
N GLU C 11 -24.96 4.50 1.76
CA GLU C 11 -24.44 5.12 2.97
C GLU C 11 -22.94 5.47 2.94
N GLY C 12 -22.26 5.27 1.82
CA GLY C 12 -20.84 5.60 1.76
C GLY C 12 -19.84 4.50 2.08
N LYS C 13 -20.35 3.31 2.32
CA LYS C 13 -19.51 2.20 2.68
C LYS C 13 -19.03 1.44 1.44
N VAL C 14 -17.73 1.17 1.35
CA VAL C 14 -17.15 0.41 0.26
C VAL C 14 -17.57 -1.06 0.35
N THR C 15 -18.26 -1.56 -0.69
CA THR C 15 -18.92 -2.84 -0.94
C THR C 15 -18.02 -3.85 -1.64
N ASP C 16 -17.43 -3.31 -2.74
CA ASP C 16 -16.66 -4.10 -3.72
C ASP C 16 -15.47 -3.33 -4.28
N VAL C 17 -14.31 -4.00 -4.33
CA VAL C 17 -13.17 -3.56 -5.12
C VAL C 17 -12.76 -4.69 -6.08
N ILE C 18 -12.75 -4.37 -7.39
CA ILE C 18 -12.42 -5.33 -8.43
C ILE C 18 -11.25 -4.75 -9.19
N MET C 19 -10.16 -5.52 -9.26
CA MET C 19 -9.02 -5.16 -10.09
C MET C 19 -8.80 -6.22 -11.17
N ASP C 20 -8.59 -5.70 -12.39
CA ASP C 20 -8.33 -6.59 -13.50
C ASP C 20 -7.32 -6.04 -14.50
N GLY C 21 -6.68 -6.98 -15.19
CA GLY C 21 -5.64 -6.70 -16.16
C GLY C 21 -4.26 -6.83 -15.60
N HIS C 22 -4.19 -7.28 -14.34
CA HIS C 22 -2.98 -7.52 -13.57
C HIS C 22 -1.98 -8.40 -14.33
N ALA C 23 -2.53 -9.49 -14.88
CA ALA C 23 -1.77 -10.54 -15.58
C ALA C 23 -1.91 -10.47 -17.10
N ASP C 24 -2.17 -9.30 -17.62
CA ASP C 24 -2.30 -9.05 -19.03
C ASP C 24 -1.04 -8.37 -19.56
N HIS C 25 -0.86 -8.42 -20.87
CA HIS C 25 0.26 -7.85 -21.55
C HIS C 25 0.74 -6.51 -21.09
N GLY C 26 -0.03 -5.45 -21.26
CA GLY C 26 0.40 -4.11 -20.91
C GLY C 26 1.53 -3.42 -21.66
N GLU C 27 1.52 -2.12 -21.66
CA GLU C 27 2.48 -1.28 -22.28
C GLU C 27 3.64 -0.94 -21.33
N TYR C 28 4.56 -0.10 -21.76
CA TYR C 28 5.62 0.41 -20.96
C TYR C 28 5.09 0.95 -19.68
N GLY C 29 5.55 0.49 -18.55
CA GLY C 29 5.04 1.01 -17.31
C GLY C 29 4.21 0.02 -16.57
N HIS C 30 3.65 -0.94 -17.28
CA HIS C 30 2.80 -1.95 -16.70
C HIS C 30 3.37 -2.78 -15.62
N ASP C 31 4.58 -3.28 -15.81
CA ASP C 31 5.18 -4.17 -14.81
C ASP C 31 5.26 -3.56 -13.41
N ILE C 32 5.62 -2.28 -13.32
CA ILE C 32 5.75 -1.66 -12.05
C ILE C 32 4.46 -1.21 -11.46
N VAL C 33 3.57 -0.68 -12.27
CA VAL C 33 2.27 -0.19 -11.86
C VAL C 33 1.39 -1.38 -11.37
N SER C 34 1.41 -2.49 -12.10
CA SER C 34 0.78 -3.74 -11.65
C SER C 34 1.36 -4.26 -10.31
N ALA C 35 2.68 -4.19 -10.17
CA ALA C 35 3.35 -4.56 -8.92
C ALA C 35 2.93 -3.65 -7.74
N GLY C 36 2.82 -2.34 -8.00
CA GLY C 36 2.36 -1.34 -7.07
C GLY C 36 0.94 -1.59 -6.58
N ALA C 37 0.00 -1.71 -7.52
CA ALA C 37 -1.43 -1.92 -7.21
C ALA C 37 -1.66 -3.24 -6.50
N SER C 38 -0.96 -4.28 -6.95
CA SER C 38 -1.21 -5.58 -6.34
C SER C 38 -0.63 -5.62 -4.91
N ALA C 39 0.55 -5.06 -4.65
CA ALA C 39 1.10 -5.04 -3.30
C ALA C 39 0.17 -4.26 -2.34
N VAL C 40 -0.45 -3.19 -2.84
CA VAL C 40 -1.39 -2.38 -2.09
C VAL C 40 -2.70 -3.17 -1.80
N LEU C 41 -3.21 -3.85 -2.82
CA LEU C 41 -4.44 -4.62 -2.65
C LEU C 41 -4.28 -5.81 -1.72
N PHE C 42 -3.32 -6.70 -1.99
CA PHE C 42 -3.15 -7.90 -1.18
C PHE C 42 -2.68 -7.54 0.21
N GLY C 43 -1.91 -6.46 0.31
CA GLY C 43 -1.47 -5.92 1.56
C GLY C 43 -2.66 -5.49 2.43
N SER C 44 -3.60 -4.78 1.82
CA SER C 44 -4.80 -4.29 2.49
C SER C 44 -5.66 -5.43 3.00
N VAL C 45 -5.89 -6.44 2.16
CA VAL C 45 -6.69 -7.61 2.54
C VAL C 45 -6.08 -8.30 3.74
N ASN C 46 -4.77 -8.49 3.73
CA ASN C 46 -4.07 -9.12 4.84
C ASN C 46 -4.24 -8.31 6.11
N ALA C 47 -4.24 -6.98 5.98
CA ALA C 47 -4.39 -6.12 7.11
C ALA C 47 -5.79 -6.18 7.62
N ILE C 48 -6.75 -6.35 6.72
CA ILE C 48 -8.15 -6.44 7.10
C ILE C 48 -8.45 -7.76 7.80
N ILE C 49 -7.64 -8.78 7.50
CA ILE C 49 -7.83 -10.10 8.09
C ILE C 49 -7.04 -10.26 9.38
N GLY C 50 -6.00 -9.44 9.56
CA GLY C 50 -5.16 -9.52 10.74
C GLY C 50 -5.38 -8.44 11.80
N LEU C 51 -5.92 -7.29 11.42
CA LEU C 51 -6.13 -6.23 12.34
C LEU C 51 -7.56 -5.97 12.74
N THR C 52 -8.53 -6.51 12.03
CA THR C 52 -9.91 -6.31 12.31
C THR C 52 -10.62 -7.62 12.41
N SER C 53 -11.88 -7.63 12.73
CA SER C 53 -12.62 -8.84 12.76
C SER C 53 -13.40 -9.09 11.51
N GLU C 54 -13.26 -8.26 10.50
CA GLU C 54 -14.01 -8.48 9.30
C GLU C 54 -13.36 -9.57 8.46
N ARG C 55 -14.20 -10.37 7.84
CA ARG C 55 -13.75 -11.51 7.05
C ARG C 55 -14.42 -11.37 5.69
N PRO C 56 -13.84 -10.57 4.81
CA PRO C 56 -14.48 -10.42 3.52
C PRO C 56 -14.45 -11.60 2.55
N ASP C 57 -15.45 -11.62 1.66
CA ASP C 57 -15.56 -12.65 0.65
C ASP C 57 -14.46 -12.28 -0.33
N ILE C 58 -13.45 -13.12 -0.47
CA ILE C 58 -12.36 -12.79 -1.34
C ILE C 58 -12.22 -13.76 -2.47
N ASN C 59 -12.13 -13.28 -3.74
CA ASN C 59 -11.92 -14.18 -4.87
C ASN C 59 -10.74 -13.76 -5.79
N TYR C 60 -9.60 -14.47 -5.72
CA TYR C 60 -8.44 -14.19 -6.56
C TYR C 60 -8.24 -15.31 -7.58
N ASP C 61 -8.35 -14.94 -8.85
CA ASP C 61 -8.03 -15.84 -9.96
C ASP C 61 -6.67 -15.42 -10.48
N ASP C 62 -5.62 -16.09 -9.97
CA ASP C 62 -4.22 -15.81 -10.30
C ASP C 62 -3.96 -15.85 -11.82
N GLN C 63 -4.74 -16.69 -12.52
CA GLN C 63 -4.57 -16.94 -13.96
C GLN C 63 -5.19 -15.81 -14.78
N GLY C 64 -6.34 -15.31 -14.30
CA GLY C 64 -7.10 -14.28 -14.97
C GLY C 64 -6.57 -12.88 -14.73
N GLY C 65 -5.74 -12.73 -13.68
CA GLY C 65 -5.41 -11.42 -13.14
C GLY C 65 -6.70 -10.70 -12.85
N HIS C 66 -7.57 -11.37 -12.07
CA HIS C 66 -8.86 -10.87 -11.60
C HIS C 66 -8.97 -11.07 -10.08
N PHE C 67 -9.07 -9.96 -9.35
CA PHE C 67 -9.06 -9.97 -7.90
C PHE C 67 -10.21 -9.14 -7.39
N HIS C 68 -10.99 -9.75 -6.48
CA HIS C 68 -12.28 -9.24 -6.03
C HIS C 68 -12.43 -9.30 -4.51
N ILE C 69 -12.59 -8.13 -3.89
CA ILE C 69 -12.93 -7.97 -2.48
C ILE C 69 -14.39 -7.56 -2.37
N ARG C 70 -15.18 -8.34 -1.66
CA ARG C 70 -16.57 -8.00 -1.36
C ARG C 70 -16.71 -7.92 0.15
N SER C 71 -17.12 -6.75 0.64
CA SER C 71 -17.27 -6.49 2.07
C SER C 71 -18.48 -7.24 2.61
N VAL C 72 -18.36 -7.75 3.84
CA VAL C 72 -19.48 -8.45 4.45
C VAL C 72 -20.04 -7.60 5.60
N ASP C 73 -19.28 -7.34 6.65
CA ASP C 73 -19.66 -6.36 7.65
C ASP C 73 -19.24 -4.97 7.15
N THR C 74 -20.17 -4.30 6.48
CA THR C 74 -19.96 -2.98 5.96
C THR C 74 -19.94 -1.95 6.99
N ASN C 75 -20.31 -2.28 8.23
CA ASN C 75 -20.27 -1.32 9.31
C ASN C 75 -18.98 -1.43 10.12
N ASN C 76 -18.05 -2.30 9.70
CA ASN C 76 -16.81 -2.44 10.46
C ASN C 76 -15.97 -1.20 10.19
N ASP C 77 -15.98 -0.22 11.09
CA ASP C 77 -15.24 0.99 10.85
C ASP C 77 -13.77 0.80 10.55
N GLU C 78 -13.09 -0.16 11.17
CA GLU C 78 -11.68 -0.35 10.93
C GLU C 78 -11.42 -0.89 9.53
N ALA C 79 -12.14 -1.92 9.14
CA ALA C 79 -12.04 -2.49 7.80
C ALA C 79 -12.27 -1.40 6.73
N GLN C 80 -13.28 -0.55 6.97
CA GLN C 80 -13.68 0.51 6.04
C GLN C 80 -12.60 1.60 5.89
N LEU C 81 -11.85 1.87 6.97
CA LEU C 81 -10.78 2.83 6.85
C LEU C 81 -9.55 2.21 6.15
N ILE C 82 -9.37 0.90 6.26
CA ILE C 82 -8.31 0.19 5.52
C ILE C 82 -8.65 0.22 4.03
N LEU C 83 -9.93 0.03 3.70
CA LEU C 83 -10.38 0.12 2.31
C LEU C 83 -10.24 1.53 1.73
N GLN C 84 -10.53 2.54 2.55
CA GLN C 84 -10.42 3.89 1.99
C GLN C 84 -8.95 4.28 1.94
N THR C 85 -8.10 3.66 2.76
CA THR C 85 -6.66 3.88 2.67
C THR C 85 -6.13 3.27 1.37
N MET C 86 -6.68 2.12 1.01
CA MET C 86 -6.29 1.43 -0.21
C MET C 86 -6.66 2.28 -1.42
N LEU C 87 -7.86 2.83 -1.40
CA LEU C 87 -8.34 3.67 -2.48
C LEU C 87 -7.41 4.86 -2.67
N VAL C 88 -7.04 5.51 -1.57
CA VAL C 88 -6.14 6.64 -1.61
C VAL C 88 -4.81 6.25 -2.24
N SER C 89 -4.27 5.11 -1.83
CA SER C 89 -3.00 4.61 -2.34
C SER C 89 -3.13 4.30 -3.83
N LEU C 90 -4.25 3.79 -4.23
CA LEU C 90 -4.52 3.46 -5.62
C LEU C 90 -4.65 4.74 -6.44
N GLN C 91 -5.22 5.77 -5.82
CA GLN C 91 -5.39 7.05 -6.49
C GLN C 91 -4.03 7.70 -6.69
N THR C 92 -3.14 7.53 -5.70
CA THR C 92 -1.79 8.09 -5.77
C THR C 92 -1.09 7.56 -7.01
N ILE C 93 -1.30 6.27 -7.28
CA ILE C 93 -0.72 5.62 -8.45
C ILE C 93 -1.34 6.18 -9.74
N GLU C 94 -2.68 6.30 -9.76
CA GLU C 94 -3.41 6.84 -10.92
C GLU C 94 -2.90 8.22 -11.30
N GLU C 95 -2.74 9.11 -10.31
CA GLU C 95 -2.32 10.49 -10.49
C GLU C 95 -1.07 10.60 -11.35
N GLU C 96 -0.09 9.73 -11.12
CA GLU C 96 1.16 9.79 -11.86
C GLU C 96 1.27 8.80 -13.02
N TYR C 97 0.48 7.74 -13.00
CA TYR C 97 0.52 6.74 -14.06
C TYR C 97 -0.85 6.58 -14.72
N ASN C 98 -1.44 7.70 -15.13
CA ASN C 98 -2.77 7.70 -15.74
C ASN C 98 -2.93 6.76 -16.95
N GLU C 99 -1.84 6.51 -17.65
CA GLU C 99 -1.80 5.65 -18.83
C GLU C 99 -1.84 4.15 -18.53
N ASN C 100 -1.46 3.75 -17.32
CA ASN C 100 -1.42 2.32 -16.97
C ASN C 100 -2.49 1.82 -16.01
N ILE C 101 -3.21 2.72 -15.36
CA ILE C 101 -4.25 2.33 -14.41
C ILE C 101 -5.41 3.33 -14.46
N ARG C 102 -6.63 2.82 -14.35
CA ARG C 102 -7.85 3.62 -14.26
C ARG C 102 -8.76 3.12 -13.13
N LEU C 103 -9.22 4.06 -12.31
CA LEU C 103 -10.21 3.83 -11.28
C LEU C 103 -11.60 4.25 -11.78
N ASN C 104 -12.61 3.38 -11.56
CA ASN C 104 -13.98 3.62 -11.95
C ASN C 104 -14.90 3.38 -10.72
N TYR C 105 -15.65 4.39 -10.30
CA TYR C 105 -16.56 4.33 -9.15
C TYR C 105 -17.95 3.97 -9.68
N LYS C 106 -18.61 3.04 -8.98
CA LYS C 106 -19.91 2.51 -9.40
C LYS C 106 -20.92 2.60 -8.26
CA CA D . -11.58 9.93 9.36
CA CA E . -23.48 2.74 -6.18
NI NI F . -15.61 -10.25 -9.63
#